data_7CGJ
#
_entry.id   7CGJ
#
_cell.length_a   89.355
_cell.length_b   89.355
_cell.length_c   117.898
_cell.angle_alpha   90.000
_cell.angle_beta   90.000
_cell.angle_gamma   90.000
#
_symmetry.space_group_name_H-M   'P 41 21 2'
#
loop_
_entity.id
_entity.type
_entity.pdbx_description
1 polymer 'PUM-HD domain-containing protein'
2 polymer "PBE-5G (5'-R(P*UP*GP*UP*AP*GP*AP*UP*A)-3')"
3 non-polymer 'CHLORIDE ION'
4 water water
#
loop_
_entity_poly.entity_id
_entity_poly.type
_entity_poly.pdbx_seq_one_letter_code
_entity_poly.pdbx_strand_id
1 'polypeptide(L)'
;MGHHHHHHMTTDDLLTRYRANPAMMKNLKLSDIRGALLKFAKDQVGSRFIQQELASSKDRFEKDSIFDEVVSNADELVDD
IFGNYVVQKFFEYGEERHWARLVDAIIDRVPEYAFQMYACRVLQKALEKINEPLQIKILSQIRHVIHRCMKDQNGNHVVQ
KAIEKVSPQYVQFIVDTLLESSNTIYEMSVDPYGCRVVQRCLEHCSPSQTKPVIGQIHKRFDEIANNQYGNYVVQHVIEH
GSEEDRMVIVTRVSNNLFEFATHKYSSNVIEKCLEQGAVYHKSMIVGAACHHQEGSVPIVVQMMKDQYANYVVQKMFDQV
TSEQRRELILTVRPHIPVLRQFPHGKHILAKLEKYFQKPA
;
A
2 'polyribonucleotide' UGUAGAUA B
#
# COMPACT_ATOMS: atom_id res chain seq x y z
N ASP A 13 -38.80 0.57 21.82
CA ASP A 13 -39.77 0.80 20.75
C ASP A 13 -39.62 2.20 20.14
N LEU A 14 -38.71 3.02 20.68
CA LEU A 14 -38.45 4.31 20.06
C LEU A 14 -37.91 4.13 18.66
N LEU A 15 -37.01 3.16 18.47
CA LEU A 15 -36.49 2.84 17.15
C LEU A 15 -37.62 2.40 16.23
N THR A 16 -38.54 1.56 16.74
CA THR A 16 -39.61 1.06 15.89
C THR A 16 -40.55 2.20 15.49
N ARG A 17 -40.89 3.07 16.44
CA ARG A 17 -41.61 4.30 16.13
C ARG A 17 -40.89 5.10 15.06
N TYR A 18 -39.63 5.48 15.33
CA TYR A 18 -38.91 6.36 14.42
C TYR A 18 -38.77 5.76 13.02
N ARG A 19 -38.55 4.44 12.94
CA ARG A 19 -38.43 3.80 11.63
C ARG A 19 -39.73 3.90 10.83
N ALA A 20 -40.88 3.81 11.51
CA ALA A 20 -42.21 3.89 10.91
C ALA A 20 -42.45 5.20 10.16
N ASN A 21 -42.65 6.30 10.89
CA ASN A 21 -42.77 7.64 10.30
C ASN A 21 -41.55 8.47 10.70
N PRO A 22 -40.50 8.50 9.88
CA PRO A 22 -39.35 9.36 10.20
C PRO A 22 -39.69 10.84 10.18
N ALA A 23 -40.45 11.28 9.16
CA ALA A 23 -40.87 12.68 9.10
C ALA A 23 -41.63 13.09 10.36
N MET A 24 -42.40 12.18 10.95
CA MET A 24 -43.18 12.50 12.15
C MET A 24 -42.29 12.78 13.36
N MET A 25 -41.04 12.33 13.36
CA MET A 25 -40.13 12.61 14.46
C MET A 25 -38.96 13.45 13.98
N LYS A 26 -39.26 14.52 13.23
CA LYS A 26 -38.24 15.42 12.70
C LYS A 26 -37.55 16.24 13.79
N ASN A 27 -38.08 16.26 15.01
CA ASN A 27 -37.47 16.96 16.12
C ASN A 27 -36.77 16.01 17.07
N LEU A 28 -36.41 14.82 16.59
CA LEU A 28 -35.75 13.86 17.45
C LEU A 28 -34.32 14.30 17.71
N LYS A 29 -33.89 14.17 18.96
CA LYS A 29 -32.55 14.60 19.35
C LYS A 29 -31.76 13.44 19.93
N LEU A 30 -30.44 13.62 19.95
CA LEU A 30 -29.55 12.61 20.49
C LEU A 30 -29.85 12.34 21.95
N SER A 31 -30.04 13.40 22.74
CA SER A 31 -30.39 13.28 24.14
C SER A 31 -31.65 12.46 24.36
N ASP A 32 -32.49 12.31 23.33
CA ASP A 32 -33.71 11.51 23.42
C ASP A 32 -33.47 10.02 23.33
N ILE A 33 -32.27 9.58 22.94
CA ILE A 33 -32.04 8.16 22.66
C ILE A 33 -31.82 7.39 23.95
N ARG A 34 -30.98 7.91 24.84
CA ARG A 34 -30.74 7.27 26.11
C ARG A 34 -30.44 5.78 25.97
N GLY A 35 -31.31 4.92 26.51
CA GLY A 35 -31.06 3.48 26.46
C GLY A 35 -31.18 2.89 25.09
N ALA A 36 -31.90 3.54 24.19
CA ALA A 36 -32.08 3.02 22.85
C ALA A 36 -30.80 3.04 22.00
N LEU A 37 -29.67 3.53 22.54
CA LEU A 37 -28.48 3.78 21.72
C LEU A 37 -27.97 2.49 21.07
N LEU A 38 -27.88 1.40 21.82
CA LEU A 38 -27.41 0.15 21.21
C LEU A 38 -28.30 -0.24 20.03
N LYS A 39 -29.61 -0.24 20.24
CA LYS A 39 -30.52 -0.64 19.18
C LYS A 39 -30.44 0.31 17.99
N PHE A 40 -30.31 1.61 18.24
CA PHE A 40 -30.17 2.57 17.15
C PHE A 40 -28.89 2.32 16.36
N ALA A 41 -27.77 2.17 17.08
CA ALA A 41 -26.48 2.08 16.41
C ALA A 41 -26.39 0.84 15.52
N LYS A 42 -27.10 -0.25 15.86
CA LYS A 42 -27.02 -1.48 15.08
C LYS A 42 -28.09 -1.57 14.01
N ASP A 43 -28.81 -0.49 13.79
CA ASP A 43 -29.86 -0.41 12.81
C ASP A 43 -29.39 0.44 11.64
N GLN A 44 -29.75 0.04 10.42
CA GLN A 44 -29.37 0.84 9.26
C GLN A 44 -29.92 2.26 9.36
N VAL A 45 -31.23 2.39 9.61
CA VAL A 45 -31.84 3.71 9.72
C VAL A 45 -31.32 4.46 10.94
N GLY A 46 -31.33 3.80 12.10
CA GLY A 46 -30.94 4.45 13.34
C GLY A 46 -29.49 4.89 13.36
N SER A 47 -28.60 4.14 12.73
CA SER A 47 -27.21 4.53 12.73
C SER A 47 -26.99 5.74 11.84
N ARG A 48 -27.68 5.78 10.70
CA ARG A 48 -27.63 6.99 9.88
C ARG A 48 -28.17 8.18 10.64
N PHE A 49 -29.18 7.95 11.50
CA PHE A 49 -29.71 9.03 12.34
C PHE A 49 -28.64 9.58 13.30
N ILE A 50 -28.07 8.71 14.13
CA ILE A 50 -26.98 9.13 15.03
C ILE A 50 -25.90 9.88 14.27
N GLN A 51 -25.36 9.26 13.22
CA GLN A 51 -24.29 9.88 12.44
C GLN A 51 -24.67 11.28 11.97
N GLN A 52 -25.86 11.44 11.37
CA GLN A 52 -26.23 12.75 10.82
C GLN A 52 -26.41 13.78 11.93
N GLU A 53 -26.96 13.36 13.07
CA GLU A 53 -27.02 14.22 14.26
C GLU A 53 -25.63 14.61 14.73
N LEU A 54 -24.74 13.63 14.93
CA LEU A 54 -23.39 13.94 15.39
C LEU A 54 -22.68 14.93 14.48
N ALA A 55 -22.85 14.79 13.15
CA ALA A 55 -22.16 15.69 12.23
C ALA A 55 -22.81 17.07 12.18
N SER A 56 -24.14 17.15 12.21
CA SER A 56 -24.82 18.44 12.09
C SER A 56 -24.98 19.20 13.41
N SER A 57 -24.98 18.50 14.55
CA SER A 57 -25.21 19.17 15.82
C SER A 57 -24.08 20.14 16.15
N LYS A 58 -24.45 21.29 16.70
CA LYS A 58 -23.51 22.24 17.26
C LYS A 58 -23.64 22.31 18.78
N ASP A 59 -24.27 21.30 19.37
CA ASP A 59 -24.47 21.19 20.81
C ASP A 59 -23.49 20.15 21.34
N ARG A 60 -22.45 20.62 22.04
CA ARG A 60 -21.48 19.72 22.66
C ARG A 60 -22.16 18.74 23.62
N PHE A 61 -23.17 19.19 24.36
CA PHE A 61 -23.80 18.36 25.39
C PHE A 61 -24.76 17.33 24.79
N GLU A 62 -25.40 17.65 23.67
CA GLU A 62 -26.18 16.62 22.96
C GLU A 62 -25.28 15.49 22.50
N LYS A 63 -24.13 15.84 21.92
CA LYS A 63 -23.19 14.81 21.49
C LYS A 63 -22.72 13.98 22.67
N ASP A 64 -22.34 14.64 23.76
CA ASP A 64 -21.90 13.91 24.94
C ASP A 64 -22.97 12.98 25.47
N SER A 65 -24.26 13.30 25.25
CA SER A 65 -25.32 12.55 25.89
C SER A 65 -25.25 11.06 25.54
N ILE A 66 -24.92 10.72 24.29
CA ILE A 66 -24.90 9.31 23.92
C ILE A 66 -23.57 8.62 24.22
N PHE A 67 -22.52 9.37 24.56
CA PHE A 67 -21.16 8.82 24.61
C PHE A 67 -21.01 7.75 25.69
N ASP A 68 -21.68 7.94 26.84
CA ASP A 68 -21.63 6.91 27.87
C ASP A 68 -22.22 5.61 27.36
N GLU A 69 -23.25 5.70 26.52
CA GLU A 69 -23.80 4.48 25.93
C GLU A 69 -22.87 3.88 24.90
N VAL A 70 -22.24 4.72 24.07
CA VAL A 70 -21.26 4.23 23.12
C VAL A 70 -20.13 3.48 23.83
N VAL A 71 -19.56 4.08 24.90
CA VAL A 71 -18.50 3.43 25.67
C VAL A 71 -19.01 2.12 26.28
N SER A 72 -20.21 2.13 26.85
CA SER A 72 -20.73 0.94 27.52
C SER A 72 -20.89 -0.22 26.54
N ASN A 73 -21.16 0.08 25.28
CA ASN A 73 -21.44 -0.93 24.28
C ASN A 73 -20.34 -1.03 23.25
N ALA A 74 -19.17 -0.44 23.51
CA ALA A 74 -18.09 -0.40 22.54
C ALA A 74 -17.86 -1.76 21.90
N ASP A 75 -17.74 -2.82 22.72
CA ASP A 75 -17.38 -4.13 22.18
C ASP A 75 -18.44 -4.66 21.23
N GLU A 76 -19.72 -4.42 21.53
CA GLU A 76 -20.76 -4.88 20.62
C GLU A 76 -20.84 -4.01 19.36
N LEU A 77 -20.36 -2.77 19.40
CA LEU A 77 -20.50 -1.86 18.27
C LEU A 77 -19.31 -1.85 17.32
N VAL A 78 -18.07 -2.03 17.81
CA VAL A 78 -16.93 -1.79 16.92
C VAL A 78 -16.94 -2.72 15.71
N ASP A 79 -17.47 -3.94 15.84
CA ASP A 79 -17.52 -4.85 14.69
C ASP A 79 -18.95 -5.10 14.23
N ASP A 80 -19.79 -4.08 14.32
CA ASP A 80 -21.10 -4.14 13.72
C ASP A 80 -21.12 -3.32 12.43
N ILE A 81 -21.75 -3.92 11.41
CA ILE A 81 -21.84 -3.34 10.08
C ILE A 81 -22.36 -1.91 10.13
N PHE A 82 -23.24 -1.58 11.08
CA PHE A 82 -23.71 -0.20 11.18
C PHE A 82 -23.14 0.55 12.37
N GLY A 83 -22.89 -0.14 13.49
CA GLY A 83 -22.39 0.53 14.68
C GLY A 83 -20.96 1.04 14.58
N ASN A 84 -20.14 0.43 13.71
CA ASN A 84 -18.75 0.87 13.60
C ASN A 84 -18.68 2.34 13.18
N TYR A 85 -19.64 2.81 12.39
CA TYR A 85 -19.65 4.22 12.01
C TYR A 85 -19.95 5.13 13.19
N VAL A 86 -20.75 4.66 14.16
CA VAL A 86 -21.08 5.46 15.33
C VAL A 86 -19.87 5.59 16.24
N VAL A 87 -19.13 4.50 16.44
CA VAL A 87 -17.90 4.58 17.22
C VAL A 87 -16.86 5.49 16.53
N GLN A 88 -16.75 5.41 15.20
CA GLN A 88 -15.74 6.22 14.51
C GLN A 88 -15.98 7.71 14.67
N LYS A 89 -17.26 8.11 14.83
CA LYS A 89 -17.60 9.52 15.03
C LYS A 89 -16.85 10.10 16.21
N PHE A 90 -16.64 9.32 17.27
CA PHE A 90 -15.97 9.86 18.44
C PHE A 90 -14.45 9.81 18.35
N PHE A 91 -13.90 9.36 17.23
CA PHE A 91 -12.48 9.47 17.00
C PHE A 91 -12.12 10.63 16.09
N GLU A 92 -13.09 11.49 15.73
CA GLU A 92 -12.82 12.59 14.83
C GLU A 92 -12.32 13.83 15.57
N TYR A 93 -11.90 14.81 14.78
CA TYR A 93 -11.16 15.92 15.35
C TYR A 93 -12.01 16.75 16.30
N GLY A 94 -13.32 16.80 16.10
CA GLY A 94 -14.03 17.58 17.10
C GLY A 94 -14.30 16.89 18.42
N GLU A 95 -13.60 15.78 18.71
CA GLU A 95 -13.98 14.98 19.86
C GLU A 95 -12.81 14.58 20.74
N GLU A 96 -11.70 15.35 20.72
CA GLU A 96 -10.55 15.07 21.60
C GLU A 96 -10.95 14.66 22.99
N ARG A 97 -11.90 15.40 23.58
CA ARG A 97 -12.26 15.19 24.98
C ARG A 97 -12.65 13.74 25.25
N HIS A 98 -12.98 12.97 24.20
CA HIS A 98 -13.45 11.60 24.34
C HIS A 98 -12.43 10.54 23.94
N TRP A 99 -11.30 10.93 23.33
CA TRP A 99 -10.37 9.94 22.76
C TRP A 99 -9.86 8.97 23.80
N ALA A 100 -9.26 9.49 24.88
CA ALA A 100 -8.69 8.61 25.90
C ALA A 100 -9.74 7.64 26.43
N ARG A 101 -10.94 8.15 26.72
CA ARG A 101 -11.98 7.27 27.26
C ARG A 101 -12.35 6.21 26.25
N LEU A 102 -12.49 6.60 24.98
CA LEU A 102 -12.85 5.65 23.94
C LEU A 102 -11.74 4.62 23.69
N VAL A 103 -10.48 5.04 23.68
CA VAL A 103 -9.37 4.09 23.55
C VAL A 103 -9.42 3.08 24.69
N ASP A 104 -9.62 3.55 25.91
CA ASP A 104 -9.65 2.63 27.03
C ASP A 104 -10.83 1.68 26.97
N ALA A 105 -11.93 2.06 26.34
CA ALA A 105 -13.04 1.15 26.21
C ALA A 105 -12.72 0.00 25.26
N ILE A 106 -11.79 0.18 24.33
CA ILE A 106 -11.54 -0.83 23.30
C ILE A 106 -10.15 -1.44 23.40
N ILE A 107 -9.27 -0.91 24.26
CA ILE A 107 -7.86 -1.26 24.18
C ILE A 107 -7.63 -2.76 24.37
N ASP A 108 -8.43 -3.39 25.22
CA ASP A 108 -8.05 -4.73 25.65
C ASP A 108 -8.38 -5.78 24.61
N ARG A 109 -9.26 -5.50 23.67
CA ARG A 109 -9.60 -6.42 22.60
C ARG A 109 -9.11 -5.96 21.22
N VAL A 110 -8.24 -4.95 21.19
CA VAL A 110 -7.52 -4.49 20.00
C VAL A 110 -6.87 -5.66 19.26
N PRO A 111 -6.22 -6.62 19.95
CA PRO A 111 -5.61 -7.74 19.21
C PRO A 111 -6.57 -8.56 18.41
N GLU A 112 -7.84 -8.66 18.84
CA GLU A 112 -8.87 -9.25 17.98
C GLU A 112 -9.42 -8.24 16.99
N TYR A 113 -9.64 -7.00 17.42
CA TYR A 113 -10.31 -6.05 16.53
C TYR A 113 -9.53 -5.87 15.24
N ALA A 114 -8.20 -6.01 15.28
CA ALA A 114 -7.36 -5.78 14.10
C ALA A 114 -7.65 -6.74 12.96
N PHE A 115 -8.17 -7.94 13.24
CA PHE A 115 -8.49 -8.93 12.22
C PHE A 115 -9.90 -8.85 11.72
N GLN A 116 -10.73 -7.96 12.27
CA GLN A 116 -12.15 -8.00 11.94
C GLN A 116 -12.50 -6.90 10.94
N MET A 117 -13.41 -7.21 10.01
CA MET A 117 -13.58 -6.32 8.87
C MET A 117 -14.22 -4.98 9.26
N TYR A 118 -15.09 -4.93 10.28
CA TYR A 118 -15.63 -3.64 10.69
C TYR A 118 -14.82 -2.98 11.81
N ALA A 119 -14.43 -3.75 12.83
CA ALA A 119 -13.62 -3.19 13.92
C ALA A 119 -12.29 -2.64 13.43
N CYS A 120 -11.72 -3.20 12.36
CA CYS A 120 -10.42 -2.66 11.95
C CYS A 120 -10.54 -1.27 11.35
N ARG A 121 -11.70 -0.90 10.82
CA ARG A 121 -11.89 0.49 10.39
C ARG A 121 -11.90 1.45 11.59
N VAL A 122 -12.40 1.00 12.73
CA VAL A 122 -12.35 1.84 13.93
C VAL A 122 -10.90 2.06 14.35
N LEU A 123 -10.08 1.00 14.30
CA LEU A 123 -8.68 1.17 14.69
C LEU A 123 -7.97 2.08 13.72
N GLN A 124 -8.29 1.99 12.42
CA GLN A 124 -7.61 2.86 11.46
C GLN A 124 -7.97 4.32 11.68
N LYS A 125 -9.24 4.59 12.00
CA LYS A 125 -9.69 5.96 12.23
C LYS A 125 -9.05 6.52 13.48
N ALA A 126 -8.91 5.70 14.52
CA ALA A 126 -8.26 6.14 15.76
C ALA A 126 -6.80 6.49 15.50
N LEU A 127 -6.06 5.60 14.85
CA LEU A 127 -4.67 5.89 14.48
C LEU A 127 -4.58 7.11 13.58
N GLU A 128 -5.56 7.30 12.69
CA GLU A 128 -5.58 8.45 11.79
C GLU A 128 -5.70 9.78 12.54
N LYS A 129 -6.26 9.77 13.73
CA LYS A 129 -6.74 10.99 14.33
C LYS A 129 -6.14 11.30 15.69
N ILE A 130 -5.91 10.29 16.51
CA ILE A 130 -5.61 10.60 17.90
C ILE A 130 -4.14 10.97 18.06
N ASN A 131 -3.80 11.50 19.23
CA ASN A 131 -2.46 11.99 19.54
C ASN A 131 -1.53 10.81 19.78
N GLU A 132 -0.23 11.11 19.69
CA GLU A 132 0.79 10.07 19.76
C GLU A 132 0.75 9.22 21.02
N PRO A 133 0.53 9.75 22.22
CA PRO A 133 0.43 8.85 23.39
C PRO A 133 -0.60 7.75 23.21
N LEU A 134 -1.78 8.07 22.67
CA LEU A 134 -2.82 7.08 22.49
C LEU A 134 -2.48 6.11 21.36
N GLN A 135 -1.87 6.62 20.28
CA GLN A 135 -1.40 5.73 19.22
C GLN A 135 -0.51 4.64 19.79
N ILE A 136 0.45 5.04 20.62
CA ILE A 136 1.41 4.10 21.20
C ILE A 136 0.69 3.10 22.09
N LYS A 137 -0.32 3.56 22.84
CA LYS A 137 -1.15 2.65 23.62
C LYS A 137 -1.82 1.60 22.72
N ILE A 138 -2.35 2.03 21.56
CA ILE A 138 -2.94 1.08 20.62
C ILE A 138 -1.89 0.16 20.04
N LEU A 139 -0.74 0.70 19.65
CA LEU A 139 0.34 -0.12 19.10
C LEU A 139 0.78 -1.19 20.07
N SER A 140 0.74 -0.90 21.39
CA SER A 140 1.17 -1.89 22.38
C SER A 140 0.34 -3.16 22.30
N GLN A 141 -0.91 -3.08 21.88
CA GLN A 141 -1.66 -4.32 21.71
C GLN A 141 -1.33 -4.98 20.38
N ILE A 142 -1.14 -4.18 19.32
CA ILE A 142 -0.73 -4.73 18.03
C ILE A 142 0.53 -5.58 18.17
N ARG A 143 1.45 -5.16 19.05
CA ARG A 143 2.69 -5.91 19.29
C ARG A 143 2.44 -7.40 19.44
N HIS A 144 1.35 -7.78 20.09
CA HIS A 144 1.09 -9.17 20.40
C HIS A 144 0.79 -10.03 19.18
N VAL A 145 0.34 -9.43 18.08
CA VAL A 145 -0.22 -10.18 16.96
C VAL A 145 0.39 -9.72 15.63
N ILE A 146 1.52 -9.00 15.71
CA ILE A 146 1.93 -8.15 14.60
C ILE A 146 2.24 -8.97 13.33
N HIS A 147 2.91 -10.11 13.47
CA HIS A 147 3.29 -10.87 12.27
C HIS A 147 2.06 -11.36 11.51
N ARG A 148 1.12 -11.97 12.24
CA ARG A 148 -0.11 -12.46 11.61
C ARG A 148 -0.97 -11.29 11.13
N CYS A 149 -0.94 -10.19 11.86
CA CYS A 149 -1.71 -9.01 11.52
C CYS A 149 -1.23 -8.40 10.19
N MET A 150 0.09 -8.31 9.99
CA MET A 150 0.61 -7.75 8.73
C MET A 150 0.13 -8.53 7.50
N LYS A 151 -0.11 -9.82 7.61
CA LYS A 151 -0.48 -10.63 6.45
C LYS A 151 -1.98 -10.72 6.28
N ASP A 152 -2.74 -10.07 7.15
CA ASP A 152 -4.16 -10.27 7.21
C ASP A 152 -4.88 -9.26 6.34
N GLN A 153 -5.94 -9.74 5.68
CA GLN A 153 -6.71 -8.89 4.77
C GLN A 153 -7.27 -7.67 5.48
N ASN A 154 -7.59 -7.80 6.76
CA ASN A 154 -8.01 -6.63 7.54
C ASN A 154 -6.83 -5.98 8.23
N GLY A 155 -5.99 -6.78 8.89
CA GLY A 155 -4.98 -6.24 9.78
C GLY A 155 -3.90 -5.44 9.06
N ASN A 156 -3.61 -5.79 7.80
CA ASN A 156 -2.54 -5.08 7.08
C ASN A 156 -2.85 -3.60 6.94
N HIS A 157 -4.13 -3.24 6.89
CA HIS A 157 -4.48 -1.82 6.81
C HIS A 157 -4.20 -1.11 8.12
N VAL A 158 -4.42 -1.80 9.26
CA VAL A 158 -4.10 -1.22 10.56
C VAL A 158 -2.60 -1.01 10.69
N VAL A 159 -1.80 -1.97 10.21
CA VAL A 159 -0.35 -1.82 10.22
C VAL A 159 0.08 -0.71 9.27
N GLN A 160 -0.47 -0.70 8.06
CA GLN A 160 -0.15 0.39 7.13
C GLN A 160 -0.45 1.74 7.76
N LYS A 161 -1.56 1.84 8.49
CA LYS A 161 -1.92 3.13 9.07
C LYS A 161 -0.96 3.51 10.19
N ALA A 162 -0.52 2.54 10.99
CA ALA A 162 0.46 2.80 12.02
C ALA A 162 1.75 3.38 11.41
N ILE A 163 2.22 2.80 10.30
CA ILE A 163 3.45 3.26 9.66
C ILE A 163 3.28 4.68 9.11
N GLU A 164 2.14 4.96 8.47
CA GLU A 164 1.92 6.29 7.91
C GLU A 164 1.78 7.38 8.98
N LYS A 165 1.26 7.07 10.18
CA LYS A 165 0.79 8.13 11.06
C LYS A 165 1.50 8.20 12.41
N VAL A 166 2.36 7.26 12.75
CA VAL A 166 3.14 7.30 13.97
C VAL A 166 4.59 7.57 13.63
N SER A 167 5.26 8.32 14.48
CA SER A 167 6.65 8.66 14.25
C SER A 167 7.48 7.38 14.11
N PRO A 168 8.44 7.36 13.17
CA PRO A 168 9.26 6.18 12.91
C PRO A 168 9.75 5.38 14.12
N GLN A 169 10.20 6.06 15.18
CA GLN A 169 10.82 5.33 16.28
C GLN A 169 9.84 4.40 17.00
N TYR A 170 8.55 4.72 16.96
CA TYR A 170 7.54 3.99 17.71
C TYR A 170 6.95 2.82 16.92
N VAL A 171 7.39 2.63 15.67
CA VAL A 171 7.07 1.43 14.91
C VAL A 171 8.34 0.60 14.65
N GLN A 172 9.41 0.81 15.41
CA GLN A 172 10.58 -0.07 15.28
C GLN A 172 10.23 -1.53 15.50
N PHE A 173 9.20 -1.80 16.31
CA PHE A 173 8.81 -3.19 16.50
C PHE A 173 8.22 -3.82 15.24
N ILE A 174 7.67 -3.02 14.33
CA ILE A 174 7.19 -3.54 13.05
C ILE A 174 8.36 -3.86 12.12
N VAL A 175 9.42 -3.04 12.15
CA VAL A 175 10.63 -3.34 11.37
C VAL A 175 11.32 -4.58 11.93
N ASP A 176 11.39 -4.71 13.26
CA ASP A 176 12.00 -5.94 13.79
C ASP A 176 11.15 -7.17 13.55
N THR A 177 9.87 -7.01 13.19
CA THR A 177 9.09 -8.17 12.77
C THR A 177 9.43 -8.54 11.34
N LEU A 178 9.47 -7.56 10.44
CA LEU A 178 9.99 -7.80 9.09
C LEU A 178 11.36 -8.48 9.12
N LEU A 179 12.14 -8.28 10.19
CA LEU A 179 13.48 -8.85 10.32
C LEU A 179 13.57 -9.97 11.38
N GLU A 180 12.44 -10.55 11.79
CA GLU A 180 12.52 -11.50 12.90
C GLU A 180 13.25 -12.79 12.50
N SER A 181 13.10 -13.25 11.26
CA SER A 181 13.83 -14.42 10.79
C SER A 181 14.40 -14.13 9.42
N SER A 182 15.27 -15.03 8.96
CA SER A 182 15.91 -14.86 7.66
C SER A 182 14.90 -14.70 6.54
N ASN A 183 13.80 -15.44 6.60
CA ASN A 183 12.90 -15.52 5.45
C ASN A 183 11.69 -14.59 5.56
N THR A 184 11.59 -13.79 6.63
CA THR A 184 10.36 -13.04 6.87
C THR A 184 10.13 -11.98 5.81
N ILE A 185 11.18 -11.28 5.39
CA ILE A 185 11.03 -10.24 4.38
C ILE A 185 10.59 -10.85 3.05
N TYR A 186 11.08 -12.06 2.75
CA TYR A 186 10.63 -12.73 1.56
C TYR A 186 9.15 -13.11 1.70
N GLU A 187 8.79 -13.72 2.84
CA GLU A 187 7.43 -14.15 3.14
C GLU A 187 6.44 -13.00 3.02
N MET A 188 6.81 -11.81 3.47
CA MET A 188 5.92 -10.68 3.38
C MET A 188 5.88 -10.09 1.98
N SER A 189 7.06 -9.96 1.34
CA SER A 189 7.12 -9.38 -0.01
C SER A 189 6.29 -10.17 -1.01
N VAL A 190 6.19 -11.49 -0.85
CA VAL A 190 5.41 -12.29 -1.78
C VAL A 190 3.98 -12.49 -1.31
N ASP A 191 3.56 -11.83 -0.13
CA ASP A 191 2.19 -11.98 0.36
C ASP A 191 1.34 -10.83 -0.15
N PRO A 192 0.10 -11.08 -0.58
CA PRO A 192 -0.69 -9.98 -1.20
C PRO A 192 -1.03 -8.88 -0.23
N TYR A 193 -0.97 -9.16 1.07
CA TYR A 193 -1.20 -8.14 2.08
C TYR A 193 0.08 -7.71 2.77
N GLY A 194 0.95 -8.66 3.11
CA GLY A 194 2.22 -8.29 3.71
C GLY A 194 3.06 -7.40 2.82
N CYS A 195 2.86 -7.47 1.50
CA CYS A 195 3.71 -6.65 0.63
C CYS A 195 3.35 -5.16 0.77
N ARG A 196 2.10 -4.83 1.11
CA ARG A 196 1.76 -3.42 1.32
C ARG A 196 2.49 -2.86 2.54
N VAL A 197 2.71 -3.71 3.53
CA VAL A 197 3.42 -3.31 4.73
C VAL A 197 4.88 -3.03 4.40
N VAL A 198 5.53 -3.91 3.63
CA VAL A 198 6.90 -3.61 3.23
C VAL A 198 6.94 -2.28 2.48
N GLN A 199 5.95 -2.03 1.64
CA GLN A 199 5.98 -0.80 0.83
C GLN A 199 5.89 0.43 1.70
N ARG A 200 4.93 0.50 2.64
CA ARG A 200 4.83 1.69 3.49
C ARG A 200 6.10 1.89 4.30
N CYS A 201 6.71 0.81 4.77
N CYS A 201 6.71 0.81 4.79
CA CYS A 201 7.96 0.89 5.51
CA CYS A 201 7.97 0.93 5.51
C CYS A 201 9.05 1.55 4.66
C CYS A 201 9.02 1.61 4.64
N LEU A 202 9.17 1.15 3.39
CA LEU A 202 10.10 1.80 2.47
C LEU A 202 9.77 3.29 2.28
N GLU A 203 8.50 3.65 2.38
CA GLU A 203 8.09 5.04 2.16
C GLU A 203 8.24 5.92 3.39
N HIS A 204 8.17 5.38 4.61
CA HIS A 204 8.04 6.24 5.79
C HIS A 204 9.10 6.05 6.86
N CYS A 205 9.86 4.97 6.82
CA CYS A 205 10.83 4.67 7.87
C CYS A 205 12.15 5.38 7.60
N SER A 206 12.92 5.57 8.66
CA SER A 206 14.21 6.23 8.56
C SER A 206 15.19 5.33 7.82
N PRO A 207 16.24 5.90 7.23
CA PRO A 207 17.27 5.06 6.58
C PRO A 207 17.92 4.11 7.55
N SER A 208 18.01 4.48 8.82
CA SER A 208 18.40 3.52 9.84
C SER A 208 17.53 2.28 9.79
N GLN A 209 16.24 2.47 9.54
CA GLN A 209 15.35 1.31 9.61
C GLN A 209 15.28 0.58 8.29
N THR A 210 15.28 1.31 7.17
CA THR A 210 15.09 0.65 5.88
C THR A 210 16.32 -0.13 5.45
N LYS A 211 17.52 0.24 5.92
CA LYS A 211 18.73 -0.38 5.40
C LYS A 211 18.77 -1.90 5.61
N PRO A 212 18.49 -2.44 6.80
CA PRO A 212 18.37 -3.91 6.91
C PRO A 212 17.22 -4.51 6.11
N VAL A 213 16.12 -3.79 5.94
CA VAL A 213 14.99 -4.32 5.16
C VAL A 213 15.39 -4.45 3.70
N ILE A 214 15.99 -3.41 3.14
CA ILE A 214 16.48 -3.45 1.76
C ILE A 214 17.58 -4.50 1.63
N GLY A 215 18.39 -4.67 2.68
CA GLY A 215 19.42 -5.70 2.63
C GLY A 215 18.83 -7.09 2.51
N GLN A 216 17.76 -7.35 3.26
CA GLN A 216 17.10 -8.66 3.22
C GLN A 216 16.47 -8.93 1.87
N ILE A 217 15.75 -7.94 1.32
CA ILE A 217 15.18 -8.01 -0.04
C ILE A 217 16.26 -8.37 -1.06
N HIS A 218 17.38 -7.65 -1.02
CA HIS A 218 18.46 -7.91 -1.96
C HIS A 218 18.92 -9.36 -1.95
N LYS A 219 18.94 -10.01 -0.79
CA LYS A 219 19.45 -11.36 -0.68
C LYS A 219 18.69 -12.33 -1.57
N ARG A 220 17.38 -12.15 -1.72
CA ARG A 220 16.58 -12.98 -2.61
C ARG A 220 15.92 -12.13 -3.70
N PHE A 221 16.74 -11.32 -4.39
CA PHE A 221 16.24 -10.29 -5.28
C PHE A 221 15.54 -10.86 -6.51
N ASP A 222 16.17 -11.82 -7.19
CA ASP A 222 15.58 -12.35 -8.41
C ASP A 222 14.20 -12.90 -8.14
N GLU A 223 14.06 -13.71 -7.10
CA GLU A 223 12.76 -14.27 -6.74
C GLU A 223 11.71 -13.20 -6.51
N ILE A 224 12.02 -12.24 -5.62
CA ILE A 224 11.07 -11.20 -5.28
C ILE A 224 10.78 -10.32 -6.49
N ALA A 225 11.79 -10.04 -7.32
CA ALA A 225 11.58 -9.19 -8.49
C ALA A 225 10.54 -9.80 -9.45
N ASN A 226 10.49 -11.13 -9.56
CA ASN A 226 9.58 -11.74 -10.52
C ASN A 226 8.32 -12.28 -9.87
N ASN A 227 8.03 -11.87 -8.64
CA ASN A 227 6.82 -12.30 -7.95
C ASN A 227 5.71 -11.30 -8.21
N GLN A 228 4.47 -11.79 -8.34
CA GLN A 228 3.37 -10.89 -8.66
C GLN A 228 3.17 -9.83 -7.59
N TYR A 229 3.65 -10.06 -6.36
CA TYR A 229 3.62 -9.01 -5.37
C TYR A 229 5.00 -8.42 -5.09
N GLY A 230 6.06 -9.22 -5.16
CA GLY A 230 7.37 -8.73 -4.83
C GLY A 230 7.89 -7.68 -5.81
N ASN A 231 7.43 -7.74 -7.07
CA ASN A 231 7.93 -6.78 -8.03
C ASN A 231 7.53 -5.35 -7.65
N TYR A 232 6.39 -5.16 -6.98
CA TYR A 232 6.11 -3.83 -6.44
C TYR A 232 7.00 -3.49 -5.25
N VAL A 233 7.42 -4.49 -4.48
CA VAL A 233 8.34 -4.24 -3.38
C VAL A 233 9.68 -3.78 -3.93
N VAL A 234 10.16 -4.45 -4.98
CA VAL A 234 11.40 -4.02 -5.61
C VAL A 234 11.22 -2.63 -6.25
N GLN A 235 10.05 -2.37 -6.82
CA GLN A 235 9.88 -1.06 -7.43
C GLN A 235 9.94 0.04 -6.39
N HIS A 236 9.45 -0.23 -5.19
CA HIS A 236 9.56 0.76 -4.11
C HIS A 236 10.99 0.92 -3.61
N VAL A 237 11.81 -0.12 -3.67
CA VAL A 237 13.22 0.04 -3.34
C VAL A 237 13.87 1.00 -4.34
N ILE A 238 13.67 0.74 -5.63
CA ILE A 238 14.19 1.64 -6.65
C ILE A 238 13.81 3.08 -6.36
N GLU A 239 12.54 3.31 -6.01
CA GLU A 239 12.07 4.68 -5.85
C GLU A 239 12.57 5.32 -4.55
N HIS A 240 12.58 4.57 -3.46
CA HIS A 240 12.83 5.13 -2.12
C HIS A 240 14.17 4.71 -1.55
N GLY A 241 14.92 3.87 -2.24
CA GLY A 241 16.19 3.41 -1.73
C GLY A 241 17.29 4.42 -1.97
N SER A 242 18.51 3.98 -1.68
CA SER A 242 19.66 4.84 -1.86
C SER A 242 20.24 4.70 -3.27
N GLU A 243 20.96 5.74 -3.68
CA GLU A 243 21.79 5.68 -4.87
C GLU A 243 22.51 4.35 -4.99
N GLU A 244 23.13 3.89 -3.90
CA GLU A 244 23.87 2.63 -3.99
C GLU A 244 22.94 1.45 -4.23
N ASP A 245 21.72 1.48 -3.66
CA ASP A 245 20.75 0.44 -3.92
C ASP A 245 20.34 0.43 -5.38
N ARG A 246 19.98 1.61 -5.93
CA ARG A 246 19.67 1.70 -7.36
C ARG A 246 20.77 1.09 -8.22
N MET A 247 22.04 1.36 -7.89
CA MET A 247 23.15 0.83 -8.69
C MET A 247 23.25 -0.68 -8.58
N VAL A 248 23.04 -1.23 -7.38
CA VAL A 248 23.06 -2.68 -7.22
C VAL A 248 21.99 -3.31 -8.08
N ILE A 249 20.78 -2.74 -8.07
CA ILE A 249 19.66 -3.29 -8.83
C ILE A 249 19.89 -3.14 -10.34
N VAL A 250 20.28 -1.94 -10.78
CA VAL A 250 20.55 -1.72 -12.19
C VAL A 250 21.68 -2.62 -12.67
N THR A 251 22.69 -2.83 -11.82
CA THR A 251 23.79 -3.72 -12.20
C THR A 251 23.30 -5.15 -12.34
N ARG A 252 22.47 -5.62 -11.40
CA ARG A 252 21.88 -6.95 -11.54
C ARG A 252 20.98 -7.01 -12.76
N VAL A 253 20.14 -5.99 -12.96
CA VAL A 253 19.23 -6.01 -14.10
C VAL A 253 20.01 -6.01 -15.40
N SER A 254 21.03 -5.15 -15.48
CA SER A 254 21.79 -5.05 -16.72
C SER A 254 22.44 -6.38 -17.09
N ASN A 255 22.98 -7.09 -16.09
CA ASN A 255 23.70 -8.32 -16.34
C ASN A 255 22.80 -9.49 -16.67
N ASN A 256 21.50 -9.37 -16.41
CA ASN A 256 20.54 -10.39 -16.79
C ASN A 256 19.37 -9.80 -17.54
N LEU A 257 19.67 -8.83 -18.42
CA LEU A 257 18.62 -8.03 -19.01
C LEU A 257 17.59 -8.90 -19.70
N PHE A 258 18.04 -9.96 -20.37
CA PHE A 258 17.09 -10.74 -21.14
C PHE A 258 16.14 -11.53 -20.25
N GLU A 259 16.66 -12.14 -19.19
CA GLU A 259 15.79 -12.89 -18.28
C GLU A 259 14.81 -11.98 -17.57
N PHE A 260 15.27 -10.79 -17.17
CA PHE A 260 14.37 -9.91 -16.43
C PHE A 260 13.32 -9.33 -17.35
N ALA A 261 13.70 -9.02 -18.58
CA ALA A 261 12.78 -8.35 -19.48
C ALA A 261 11.73 -9.29 -20.04
N THR A 262 12.00 -10.59 -20.08
CA THR A 262 11.07 -11.52 -20.72
C THR A 262 10.13 -12.20 -19.75
N HIS A 263 10.16 -11.86 -18.46
CA HIS A 263 9.21 -12.45 -17.53
C HIS A 263 8.15 -11.42 -17.17
N LYS A 264 6.97 -11.92 -16.81
CA LYS A 264 5.80 -11.04 -16.66
C LYS A 264 6.05 -9.96 -15.60
N TYR A 265 6.46 -10.37 -14.40
CA TYR A 265 6.50 -9.42 -13.32
C TYR A 265 7.80 -8.63 -13.27
N SER A 266 8.93 -9.30 -13.48
CA SER A 266 10.22 -8.60 -13.43
C SER A 266 10.38 -7.60 -14.56
N SER A 267 9.60 -7.73 -15.63
CA SER A 267 9.75 -6.74 -16.68
C SER A 267 9.29 -5.35 -16.22
N ASN A 268 8.38 -5.28 -15.25
CA ASN A 268 8.06 -3.97 -14.70
C ASN A 268 9.19 -3.41 -13.87
N VAL A 269 10.13 -4.25 -13.41
CA VAL A 269 11.24 -3.72 -12.61
C VAL A 269 12.22 -2.97 -13.49
N ILE A 270 12.51 -3.49 -14.69
CA ILE A 270 13.35 -2.75 -15.61
C ILE A 270 12.69 -1.44 -15.99
N GLU A 271 11.37 -1.46 -16.23
CA GLU A 271 10.72 -0.21 -16.59
C GLU A 271 10.90 0.81 -15.49
N LYS A 272 10.92 0.34 -14.24
CA LYS A 272 11.01 1.26 -13.12
C LYS A 272 12.40 1.82 -13.00
N CYS A 273 13.43 1.01 -13.28
CA CYS A 273 14.78 1.54 -13.39
C CYS A 273 14.84 2.64 -14.45
N LEU A 274 14.21 2.41 -15.60
CA LEU A 274 14.32 3.36 -16.70
C LEU A 274 13.65 4.68 -16.37
N GLU A 275 12.66 4.66 -15.49
CA GLU A 275 12.02 5.90 -15.07
C GLU A 275 12.80 6.62 -13.97
N GLN A 276 13.18 5.92 -12.90
CA GLN A 276 13.77 6.59 -11.75
C GLN A 276 15.28 6.70 -11.83
N GLY A 277 15.88 6.26 -12.94
CA GLY A 277 17.32 6.18 -13.04
C GLY A 277 17.96 7.43 -13.63
N ALA A 278 19.20 7.67 -13.19
CA ALA A 278 20.05 8.72 -13.71
C ALA A 278 20.60 8.30 -15.07
N VAL A 279 21.16 9.28 -15.77
CA VAL A 279 21.68 9.04 -17.11
C VAL A 279 22.66 7.87 -17.13
N TYR A 280 23.49 7.73 -16.08
CA TYR A 280 24.46 6.65 -16.09
C TYR A 280 23.85 5.29 -15.80
N HIS A 281 22.72 5.23 -15.09
CA HIS A 281 21.98 3.98 -14.96
C HIS A 281 21.39 3.55 -16.30
N LYS A 282 20.70 4.47 -16.97
CA LYS A 282 20.13 4.13 -18.28
C LYS A 282 21.20 3.67 -19.25
N SER A 283 22.38 4.28 -19.19
CA SER A 283 23.49 3.90 -20.06
C SER A 283 23.93 2.45 -19.84
N MET A 284 23.86 1.95 -18.60
CA MET A 284 24.16 0.53 -18.37
C MET A 284 23.13 -0.39 -19.03
N ILE A 285 21.87 0.02 -19.01
CA ILE A 285 20.82 -0.80 -19.60
C ILE A 285 20.87 -0.73 -21.12
N VAL A 286 21.00 0.48 -21.70
CA VAL A 286 21.14 0.59 -23.15
C VAL A 286 22.33 -0.24 -23.63
N GLY A 287 23.44 -0.18 -22.88
CA GLY A 287 24.65 -0.90 -23.28
C GLY A 287 24.47 -2.40 -23.31
N ALA A 288 23.86 -2.97 -22.27
CA ALA A 288 23.54 -4.39 -22.29
C ALA A 288 22.60 -4.72 -23.45
N ALA A 289 21.62 -3.84 -23.72
CA ALA A 289 20.65 -4.08 -24.78
C ALA A 289 21.33 -4.19 -26.15
N CYS A 290 22.36 -3.39 -26.39
CA CYS A 290 22.97 -3.33 -27.71
C CYS A 290 24.22 -4.20 -27.85
N HIS A 291 24.50 -5.07 -26.90
CA HIS A 291 25.76 -5.80 -26.90
C HIS A 291 25.75 -6.95 -27.91
N HIS A 292 26.93 -7.20 -28.48
CA HIS A 292 27.07 -8.09 -29.64
C HIS A 292 26.54 -9.48 -29.35
N GLN A 293 27.00 -10.10 -28.25
CA GLN A 293 26.61 -11.45 -27.88
C GLN A 293 27.01 -12.46 -28.96
N GLU A 294 28.25 -12.30 -29.48
CA GLU A 294 28.89 -13.19 -30.46
C GLU A 294 28.04 -13.24 -31.72
N GLY A 295 27.60 -14.41 -32.19
CA GLY A 295 26.83 -14.47 -33.42
C GLY A 295 25.35 -14.19 -33.26
N SER A 296 24.81 -14.36 -32.05
CA SER A 296 23.38 -14.19 -31.82
C SER A 296 22.96 -12.73 -32.03
N VAL A 297 21.66 -12.55 -32.24
CA VAL A 297 21.01 -11.24 -32.43
C VAL A 297 21.30 -10.33 -31.22
N PRO A 298 21.33 -9.01 -31.38
CA PRO A 298 21.46 -8.16 -30.19
C PRO A 298 20.20 -8.24 -29.33
N ILE A 299 20.43 -8.17 -28.02
CA ILE A 299 19.38 -8.38 -27.02
C ILE A 299 18.21 -7.43 -27.23
N VAL A 300 18.46 -6.22 -27.73
CA VAL A 300 17.36 -5.28 -27.93
C VAL A 300 16.41 -5.81 -28.98
N VAL A 301 16.93 -6.46 -30.01
CA VAL A 301 16.08 -6.97 -31.09
C VAL A 301 15.22 -8.12 -30.58
N GLN A 302 15.88 -9.16 -30.04
CA GLN A 302 15.22 -10.29 -29.40
C GLN A 302 14.11 -9.83 -28.44
N MET A 303 14.39 -8.80 -27.65
CA MET A 303 13.43 -8.30 -26.67
C MET A 303 12.18 -7.79 -27.37
N MET A 304 12.35 -7.19 -28.56
CA MET A 304 11.21 -6.68 -29.33
C MET A 304 10.32 -7.79 -29.87
N LYS A 305 10.79 -9.03 -29.92
CA LYS A 305 9.99 -10.17 -30.35
C LYS A 305 9.23 -10.81 -29.19
N ASP A 306 9.38 -10.30 -27.98
CA ASP A 306 8.88 -10.93 -26.77
C ASP A 306 7.64 -10.23 -26.26
N GLN A 307 6.75 -11.02 -25.65
CA GLN A 307 5.44 -10.52 -25.22
C GLN A 307 5.56 -9.44 -24.15
N TYR A 308 6.47 -9.62 -23.20
CA TYR A 308 6.71 -8.63 -22.15
C TYR A 308 7.86 -7.68 -22.48
N ALA A 309 8.95 -8.14 -23.12
CA ALA A 309 10.12 -7.28 -23.26
C ALA A 309 9.94 -6.19 -24.31
N ASN A 310 8.95 -6.31 -25.21
CA ASN A 310 8.74 -5.22 -26.16
C ASN A 310 8.26 -3.97 -25.45
N TYR A 311 7.54 -4.12 -24.34
CA TYR A 311 7.18 -2.92 -23.59
C TYR A 311 8.41 -2.32 -22.93
N VAL A 312 9.40 -3.15 -22.59
CA VAL A 312 10.65 -2.65 -22.02
C VAL A 312 11.46 -1.89 -23.05
N VAL A 313 11.50 -2.37 -24.30
CA VAL A 313 12.22 -1.66 -25.35
C VAL A 313 11.56 -0.32 -25.61
N GLN A 314 10.23 -0.31 -25.64
CA GLN A 314 9.51 0.93 -25.89
C GLN A 314 9.80 1.95 -24.79
N LYS A 315 9.92 1.48 -23.55
CA LYS A 315 10.19 2.40 -22.45
C LYS A 315 11.63 2.90 -22.49
N MET A 316 12.56 2.07 -22.98
CA MET A 316 13.93 2.56 -23.20
C MET A 316 13.94 3.75 -24.14
N PHE A 317 13.26 3.64 -25.28
CA PHE A 317 13.27 4.74 -26.24
C PHE A 317 12.66 5.99 -25.65
N ASP A 318 11.61 5.83 -24.83
CA ASP A 318 10.93 7.00 -24.27
C ASP A 318 11.76 7.69 -23.19
N GLN A 319 12.72 7.01 -22.56
CA GLN A 319 13.32 7.58 -21.36
C GLN A 319 14.78 7.96 -21.52
N VAL A 320 15.47 7.53 -22.57
CA VAL A 320 16.91 7.77 -22.62
C VAL A 320 17.24 9.04 -23.39
N THR A 321 18.50 9.45 -23.31
CA THR A 321 18.95 10.65 -24.02
C THR A 321 18.88 10.40 -25.53
N SER A 322 18.98 11.49 -26.30
CA SER A 322 19.07 11.34 -27.76
C SER A 322 20.34 10.58 -28.13
N GLU A 323 21.42 10.86 -27.43
CA GLU A 323 22.66 10.15 -27.68
C GLU A 323 22.51 8.66 -27.36
N GLN A 324 21.82 8.32 -26.26
CA GLN A 324 21.59 6.90 -25.95
C GLN A 324 20.63 6.26 -26.96
N ARG A 325 19.58 6.99 -27.37
CA ARG A 325 18.64 6.49 -28.37
C ARG A 325 19.35 6.22 -29.69
N ARG A 326 20.38 7.00 -30.00
CA ARG A 326 21.11 6.85 -31.24
C ARG A 326 21.75 5.47 -31.34
N GLU A 327 22.25 4.94 -30.23
CA GLU A 327 22.82 3.59 -30.27
C GLU A 327 21.73 2.54 -30.46
N LEU A 328 20.56 2.75 -29.87
CA LEU A 328 19.46 1.81 -30.07
C LEU A 328 19.01 1.82 -31.52
N ILE A 329 19.01 2.99 -32.14
CA ILE A 329 18.55 3.08 -33.53
C ILE A 329 19.55 2.44 -34.46
N LEU A 330 20.84 2.64 -34.21
CA LEU A 330 21.85 2.00 -35.05
C LEU A 330 21.94 0.49 -34.83
N THR A 331 21.34 -0.05 -33.75
CA THR A 331 21.35 -1.49 -33.50
C THR A 331 20.12 -2.18 -34.08
N VAL A 332 18.96 -1.50 -34.03
CA VAL A 332 17.73 -2.07 -34.54
C VAL A 332 17.53 -1.83 -36.04
N ARG A 333 18.22 -0.84 -36.61
CA ARG A 333 17.97 -0.40 -37.99
C ARG A 333 18.10 -1.49 -39.06
N PRO A 334 18.90 -2.53 -38.91
CA PRO A 334 18.81 -3.63 -39.88
C PRO A 334 17.60 -4.56 -39.68
N HIS A 335 17.35 -4.96 -38.44
CA HIS A 335 16.49 -6.09 -38.16
C HIS A 335 15.00 -5.81 -38.33
N ILE A 336 14.62 -4.71 -38.98
CA ILE A 336 13.22 -4.28 -38.97
C ILE A 336 12.25 -5.19 -39.72
N PRO A 337 12.47 -5.53 -41.00
CA PRO A 337 11.39 -6.21 -41.72
C PRO A 337 11.06 -7.56 -41.10
N VAL A 338 12.08 -8.27 -40.60
CA VAL A 338 11.87 -9.48 -39.80
C VAL A 338 10.90 -9.20 -38.66
N LEU A 339 11.08 -8.07 -37.98
CA LEU A 339 10.24 -7.72 -36.85
C LEU A 339 8.84 -7.30 -37.26
N ARG A 340 8.65 -6.92 -38.53
CA ARG A 340 7.34 -6.46 -38.98
C ARG A 340 6.30 -7.58 -38.94
N GLN A 341 6.70 -8.82 -39.24
CA GLN A 341 5.77 -9.93 -39.31
C GLN A 341 5.51 -10.60 -37.97
N PHE A 342 6.54 -10.65 -37.10
CA PHE A 342 6.46 -11.29 -35.79
C PHE A 342 5.19 -10.85 -35.07
N PRO A 343 4.63 -11.74 -34.21
CA PRO A 343 3.38 -11.43 -33.50
C PRO A 343 3.30 -10.02 -32.93
N HIS A 344 2.37 -9.22 -33.45
CA HIS A 344 2.18 -7.82 -33.09
C HIS A 344 3.35 -6.94 -33.50
N GLY A 345 4.32 -7.48 -34.24
CA GLY A 345 5.49 -6.69 -34.62
C GLY A 345 5.14 -5.45 -35.40
N LYS A 346 4.07 -5.51 -36.22
CA LYS A 346 3.62 -4.32 -36.90
C LYS A 346 3.27 -3.22 -35.91
N HIS A 347 2.64 -3.57 -34.79
CA HIS A 347 2.27 -2.57 -33.80
C HIS A 347 3.52 -2.04 -33.07
N ILE A 348 4.48 -2.93 -32.79
CA ILE A 348 5.62 -2.58 -31.95
C ILE A 348 6.47 -1.52 -32.64
N LEU A 349 6.72 -1.69 -33.94
CA LEU A 349 7.50 -0.70 -34.65
C LEU A 349 6.69 0.54 -35.00
N ALA A 350 5.36 0.40 -35.05
CA ALA A 350 4.52 1.57 -35.25
C ALA A 350 4.72 2.55 -34.11
N LYS A 351 4.76 2.05 -32.88
CA LYS A 351 4.97 2.93 -31.75
C LYS A 351 6.40 3.47 -31.72
N LEU A 352 7.36 2.72 -32.24
CA LEU A 352 8.70 3.28 -32.37
C LEU A 352 8.90 4.07 -33.66
N GLU A 353 7.83 4.32 -34.42
CA GLU A 353 7.96 4.95 -35.73
C GLU A 353 8.66 6.30 -35.63
N LYS A 354 8.22 7.13 -34.68
CA LYS A 354 8.85 8.40 -34.36
C LYS A 354 10.37 8.35 -34.49
N TYR A 355 11.01 7.44 -33.77
CA TYR A 355 12.46 7.40 -33.68
C TYR A 355 13.14 6.76 -34.88
N PHE A 356 12.41 6.23 -35.86
CA PHE A 356 13.03 5.78 -37.09
C PHE A 356 12.59 6.57 -38.32
N GLN A 357 11.55 7.40 -38.18
CA GLN A 357 10.98 8.28 -39.22
C GLN A 357 11.32 7.89 -40.66
#